data_1VDB
#
_entry.id   1VDB
#
_entity_poly.entity_id   1
_entity_poly.type   'polypeptide(L)'
_entity_poly.pdbx_seq_one_letter_code
;ETSEERAARLAKMSAYAAQRLAN
;
_entity_poly.pdbx_strand_id   A
#
# COMPACT_ATOMS: atom_id res chain seq x y z
N GLU A 1 13.96 -9.91 5.83
CA GLU A 1 13.90 -8.57 5.20
C GLU A 1 14.37 -8.63 3.75
N THR A 2 13.43 -8.44 2.82
CA THR A 2 13.74 -8.47 1.39
C THR A 2 13.22 -7.22 0.70
N SER A 3 13.30 -7.21 -0.63
CA SER A 3 12.84 -6.07 -1.42
C SER A 3 11.34 -6.17 -1.67
N GLU A 4 10.82 -7.39 -1.71
CA GLU A 4 9.40 -7.61 -1.94
C GLU A 4 8.55 -6.90 -0.87
N GLU A 5 9.07 -6.85 0.35
CA GLU A 5 8.37 -6.20 1.45
C GLU A 5 8.31 -4.69 1.25
N ARG A 6 9.30 -4.15 0.54
CA ARG A 6 9.36 -2.72 0.29
C ARG A 6 8.28 -2.29 -0.69
N ALA A 7 7.99 -3.16 -1.66
CA ALA A 7 6.97 -2.87 -2.66
C ALA A 7 5.57 -2.88 -2.05
N ALA A 8 5.33 -3.84 -1.16
CA ALA A 8 4.03 -3.95 -0.51
C ALA A 8 3.69 -2.67 0.27
N ARG A 9 4.72 -1.92 0.65
CA ARG A 9 4.53 -0.68 1.39
C ARG A 9 3.84 0.37 0.53
N LEU A 10 4.35 0.57 -0.68
CA LEU A 10 3.78 1.55 -1.60
C LEU A 10 2.38 1.14 -2.03
N ALA A 11 2.14 -0.16 -2.10
CA ALA A 11 0.84 -0.69 -2.51
C ALA A 11 -0.10 -0.76 -1.31
N LYS A 12 0.46 -0.93 -0.13
CA LYS A 12 -0.34 -1.02 1.09
C LYS A 12 -0.83 0.36 1.52
N MET A 13 0.07 1.35 1.43
CA MET A 13 -0.28 2.72 1.80
C MET A 13 -1.28 3.33 0.82
N SER A 14 -1.10 3.02 -0.46
CA SER A 14 -1.97 3.54 -1.50
C SER A 14 -3.31 2.82 -1.48
N ALA A 15 -3.30 1.55 -1.09
CA ALA A 15 -4.52 0.75 -1.02
C ALA A 15 -5.38 1.15 0.17
N TYR A 16 -4.72 1.58 1.25
CA TYR A 16 -5.42 2.00 2.46
C TYR A 16 -6.11 3.34 2.25
N ALA A 17 -5.49 4.22 1.47
CA ALA A 17 -6.04 5.53 1.20
C ALA A 17 -7.19 5.45 0.19
N ALA A 18 -7.05 4.56 -0.78
CA ALA A 18 -8.07 4.38 -1.81
C ALA A 18 -9.38 3.89 -1.20
N GLN A 19 -9.28 3.00 -0.23
CA GLN A 19 -10.47 2.46 0.44
C GLN A 19 -11.05 3.48 1.41
N ARG A 20 -10.19 4.30 1.99
CA ARG A 20 -10.64 5.32 2.94
C ARG A 20 -11.16 6.55 2.21
N LEU A 21 -10.58 6.83 1.04
CA LEU A 21 -10.99 7.97 0.25
C LEU A 21 -12.45 7.84 -0.19
N ALA A 22 -12.81 6.66 -0.68
CA ALA A 22 -14.17 6.40 -1.13
C ALA A 22 -15.17 6.60 -0.01
N ASN A 23 -16.31 7.22 -0.34
CA ASN A 23 -17.36 7.47 0.64
C ASN A 23 -18.06 6.18 1.04
N GLU A 1 16.57 -6.27 3.54
CA GLU A 1 16.25 -5.25 2.51
C GLU A 1 15.79 -5.91 1.21
N THR A 2 14.53 -6.31 1.17
CA THR A 2 13.97 -6.95 -0.01
C THR A 2 13.13 -5.97 -0.82
N SER A 3 12.90 -6.29 -2.09
CA SER A 3 12.12 -5.44 -2.98
C SER A 3 10.63 -5.68 -2.77
N GLU A 4 10.27 -6.91 -2.46
CA GLU A 4 8.87 -7.27 -2.24
C GLU A 4 8.34 -6.64 -0.96
N GLU A 5 9.09 -6.80 0.13
CA GLU A 5 8.70 -6.24 1.42
C GLU A 5 8.62 -4.72 1.36
N ARG A 6 9.63 -4.10 0.74
CA ARG A 6 9.68 -2.66 0.61
C ARG A 6 8.59 -2.16 -0.34
N ALA A 7 8.27 -2.97 -1.34
CA ALA A 7 7.26 -2.62 -2.32
C ALA A 7 5.86 -2.71 -1.71
N ALA A 8 5.68 -3.62 -0.77
CA ALA A 8 4.40 -3.82 -0.12
C ALA A 8 3.94 -2.54 0.59
N ARG A 9 4.91 -1.80 1.14
CA ARG A 9 4.61 -0.56 1.84
C ARG A 9 3.91 0.44 0.92
N LEU A 10 4.17 0.31 -0.38
CA LEU A 10 3.58 1.20 -1.37
C LEU A 10 2.22 0.68 -1.82
N ALA A 11 2.06 -0.64 -1.79
CA ALA A 11 0.80 -1.26 -2.18
C ALA A 11 -0.18 -1.30 -1.02
N LYS A 12 0.35 -1.37 0.18
CA LYS A 12 -0.47 -1.42 1.39
C LYS A 12 -1.02 -0.03 1.71
N MET A 13 -0.13 0.96 1.74
CA MET A 13 -0.52 2.33 2.04
C MET A 13 -1.50 2.86 0.98
N SER A 14 -1.21 2.55 -0.28
CA SER A 14 -2.06 2.99 -1.38
C SER A 14 -3.44 2.34 -1.30
N ALA A 15 -3.47 1.12 -0.75
CA ALA A 15 -4.73 0.40 -0.61
C ALA A 15 -5.57 0.96 0.54
N TYR A 16 -4.88 1.44 1.58
CA TYR A 16 -5.56 2.01 2.73
C TYR A 16 -6.13 3.38 2.42
N ALA A 17 -5.41 4.14 1.59
CA ALA A 17 -5.85 5.47 1.21
C ALA A 17 -6.88 5.41 0.08
N ALA A 18 -6.75 4.40 -0.78
CA ALA A 18 -7.67 4.23 -1.90
C ALA A 18 -9.09 4.00 -1.41
N GLN A 19 -9.24 3.17 -0.38
CA GLN A 19 -10.55 2.88 0.19
C GLN A 19 -11.05 4.04 1.03
N ARG A 20 -10.13 4.73 1.68
CA ARG A 20 -10.47 5.86 2.53
C ARG A 20 -11.06 7.00 1.71
N LEU A 21 -10.48 7.23 0.53
CA LEU A 21 -10.96 8.29 -0.36
C LEU A 21 -12.08 7.79 -1.26
N ALA A 22 -11.86 6.62 -1.87
CA ALA A 22 -12.86 6.04 -2.76
C ALA A 22 -13.46 4.78 -2.15
N ASN A 23 -14.72 4.87 -1.72
CA ASN A 23 -15.41 3.74 -1.11
C ASN A 23 -15.63 2.63 -2.14
N GLU A 1 17.20 -7.44 3.42
CA GLU A 1 15.90 -6.94 2.90
C GLU A 1 15.83 -7.08 1.38
N THR A 2 14.61 -7.11 0.86
CA THR A 2 14.40 -7.25 -0.58
C THR A 2 13.44 -6.18 -1.09
N SER A 3 13.38 -6.03 -2.41
CA SER A 3 12.50 -5.04 -3.03
C SER A 3 11.04 -5.42 -2.83
N GLU A 4 10.77 -6.73 -2.76
CA GLU A 4 9.42 -7.21 -2.57
C GLU A 4 8.82 -6.70 -1.26
N GLU A 5 9.65 -6.68 -0.22
CA GLU A 5 9.22 -6.23 1.09
C GLU A 5 8.79 -4.76 1.04
N ARG A 6 9.55 -3.95 0.32
CA ARG A 6 9.25 -2.53 0.19
C ARG A 6 7.94 -2.32 -0.57
N ALA A 7 7.67 -3.21 -1.52
CA ALA A 7 6.44 -3.11 -2.32
C ALA A 7 5.21 -3.37 -1.46
N ALA A 8 5.37 -4.21 -0.44
CA ALA A 8 4.27 -4.54 0.45
C ALA A 8 3.82 -3.32 1.26
N ARG A 9 4.77 -2.42 1.52
CA ARG A 9 4.48 -1.21 2.28
C ARG A 9 3.80 -0.15 1.40
N LEU A 10 4.44 0.16 0.27
CA LEU A 10 3.91 1.14 -0.66
C LEU A 10 2.57 0.70 -1.23
N ALA A 11 2.32 -0.61 -1.23
CA ALA A 11 1.07 -1.16 -1.74
C ALA A 11 -0.03 -1.08 -0.69
N LYS A 12 0.37 -1.16 0.58
CA LYS A 12 -0.57 -1.09 1.69
C LYS A 12 -1.09 0.33 1.86
N MET A 13 -0.22 1.31 1.65
CA MET A 13 -0.59 2.71 1.78
C MET A 13 -1.56 3.12 0.67
N SER A 14 -1.26 2.71 -0.55
CA SER A 14 -2.10 3.04 -1.69
C SER A 14 -3.47 2.37 -1.56
N ALA A 15 -3.50 1.20 -0.93
CA ALA A 15 -4.74 0.46 -0.74
C ALA A 15 -5.56 1.06 0.40
N TYR A 16 -4.87 1.63 1.39
CA TYR A 16 -5.53 2.23 2.54
C TYR A 16 -6.07 3.61 2.19
N ALA A 17 -5.38 4.30 1.28
CA ALA A 17 -5.80 5.63 0.86
C ALA A 17 -6.89 5.55 -0.20
N ALA A 18 -6.86 4.51 -1.01
CA ALA A 18 -7.84 4.32 -2.07
C ALA A 18 -9.22 4.03 -1.49
N GLN A 19 -9.26 3.19 -0.46
CA GLN A 19 -10.52 2.83 0.19
C GLN A 19 -11.03 3.98 1.05
N ARG A 20 -10.10 4.73 1.63
CA ARG A 20 -10.45 5.86 2.49
C ARG A 20 -11.16 6.95 1.68
N LEU A 21 -10.57 7.32 0.55
CA LEU A 21 -11.13 8.35 -0.31
C LEU A 21 -12.52 7.95 -0.80
N ALA A 22 -12.73 6.64 -0.95
CA ALA A 22 -14.02 6.13 -1.41
C ALA A 22 -15.14 6.53 -0.46
N ASN A 23 -16.16 7.20 -1.00
CA ASN A 23 -17.29 7.65 -0.19
C ASN A 23 -18.34 6.55 -0.08
N GLU A 1 15.28 -10.51 3.41
CA GLU A 1 14.12 -9.65 3.03
C GLU A 1 13.80 -9.78 1.55
N THR A 2 12.50 -9.78 1.23
CA THR A 2 12.06 -9.91 -0.15
C THR A 2 11.81 -8.54 -0.77
N SER A 3 11.82 -8.48 -2.09
CA SER A 3 11.61 -7.23 -2.81
C SER A 3 10.18 -6.74 -2.61
N GLU A 4 9.25 -7.67 -2.45
CA GLU A 4 7.85 -7.33 -2.26
C GLU A 4 7.64 -6.57 -0.94
N GLU A 5 8.54 -6.81 0.02
CA GLU A 5 8.45 -6.15 1.31
C GLU A 5 8.61 -4.64 1.16
N ARG A 6 9.61 -4.23 0.38
CA ARG A 6 9.88 -2.81 0.15
C ARG A 6 8.76 -2.18 -0.66
N ALA A 7 8.25 -2.91 -1.65
CA ALA A 7 7.17 -2.41 -2.49
C ALA A 7 5.84 -2.42 -1.75
N ALA A 8 5.68 -3.36 -0.82
CA ALA A 8 4.46 -3.47 -0.03
C ALA A 8 4.18 -2.20 0.75
N ARG A 9 5.24 -1.45 1.06
CA ARG A 9 5.09 -0.20 1.80
C ARG A 9 4.32 0.83 0.99
N LEU A 10 4.69 1.01 -0.27
CA LEU A 10 4.03 1.97 -1.14
C LEU A 10 2.65 1.47 -1.54
N ALA A 11 2.48 0.15 -1.57
CA ALA A 11 1.20 -0.45 -1.92
C ALA A 11 0.26 -0.48 -0.72
N LYS A 12 0.84 -0.59 0.47
CA LYS A 12 0.06 -0.64 1.70
C LYS A 12 -0.60 0.71 1.98
N MET A 13 0.17 1.78 1.81
CA MET A 13 -0.34 3.12 2.04
C MET A 13 -1.39 3.50 1.00
N SER A 14 -1.15 3.09 -0.24
CA SER A 14 -2.07 3.38 -1.33
C SER A 14 -3.36 2.58 -1.17
N ALA A 15 -3.25 1.38 -0.58
CA ALA A 15 -4.40 0.52 -0.37
C ALA A 15 -5.35 1.11 0.67
N TYR A 16 -4.79 1.56 1.79
CA TYR A 16 -5.59 2.15 2.86
C TYR A 16 -6.22 3.46 2.41
N ALA A 17 -5.54 4.17 1.53
CA ALA A 17 -6.03 5.45 1.02
C ALA A 17 -7.07 5.23 -0.07
N ALA A 18 -6.80 4.26 -0.95
CA ALA A 18 -7.71 3.96 -2.05
C ALA A 18 -9.03 3.40 -1.53
N GLN A 19 -8.97 2.70 -0.40
CA GLN A 19 -10.16 2.12 0.20
C GLN A 19 -10.94 3.16 1.00
N ARG A 20 -10.22 4.10 1.61
CA ARG A 20 -10.83 5.14 2.40
C ARG A 20 -11.44 6.23 1.51
N LEU A 21 -10.82 6.44 0.35
CA LEU A 21 -11.31 7.44 -0.60
C LEU A 21 -12.49 6.91 -1.39
N ALA A 22 -12.53 5.61 -1.62
CA ALA A 22 -13.62 4.98 -2.36
C ALA A 22 -14.95 5.20 -1.66
N ASN A 23 -16.04 4.95 -2.38
CA ASN A 23 -17.38 5.11 -1.83
C ASN A 23 -17.62 6.56 -1.40
N GLU A 1 16.23 -8.30 4.61
CA GLU A 1 15.57 -7.27 3.77
C GLU A 1 15.40 -7.75 2.34
N THR A 2 14.42 -7.18 1.64
CA THR A 2 14.14 -7.54 0.27
C THR A 2 13.38 -6.44 -0.45
N SER A 3 13.15 -6.63 -1.75
CA SER A 3 12.42 -5.65 -2.55
C SER A 3 10.91 -5.81 -2.38
N GLU A 4 10.47 -7.05 -2.18
CA GLU A 4 9.05 -7.34 -2.00
C GLU A 4 8.50 -6.60 -0.79
N GLU A 5 9.34 -6.43 0.23
CA GLU A 5 8.93 -5.74 1.46
C GLU A 5 8.68 -4.27 1.19
N ARG A 6 9.54 -3.65 0.38
CA ARG A 6 9.41 -2.24 0.05
C ARG A 6 8.19 -2.00 -0.84
N ALA A 7 7.97 -2.91 -1.79
CA ALA A 7 6.83 -2.80 -2.69
C ALA A 7 5.52 -3.11 -1.98
N ALA A 8 5.60 -3.97 -0.97
CA ALA A 8 4.41 -4.35 -0.20
C ALA A 8 3.93 -3.18 0.66
N ARG A 9 4.86 -2.31 1.04
CA ARG A 9 4.53 -1.16 1.87
C ARG A 9 3.81 -0.08 1.05
N LEU A 10 4.38 0.26 -0.10
CA LEU A 10 3.80 1.27 -0.97
C LEU A 10 2.47 0.80 -1.55
N ALA A 11 2.29 -0.52 -1.63
CA ALA A 11 1.06 -1.09 -2.16
C ALA A 11 0.00 -1.21 -1.07
N LYS A 12 0.45 -1.39 0.17
CA LYS A 12 -0.46 -1.51 1.31
C LYS A 12 -0.98 -0.15 1.73
N MET A 13 -0.08 0.83 1.79
CA MET A 13 -0.45 2.19 2.18
C MET A 13 -1.34 2.83 1.12
N SER A 14 -1.04 2.54 -0.14
CA SER A 14 -1.80 3.09 -1.24
C SER A 14 -3.22 2.50 -1.29
N ALA A 15 -3.33 1.24 -0.85
CA ALA A 15 -4.62 0.57 -0.84
C ALA A 15 -5.56 1.18 0.20
N TYR A 16 -5.02 1.45 1.39
CA TYR A 16 -5.81 2.04 2.47
C TYR A 16 -6.24 3.46 2.10
N ALA A 17 -5.40 4.15 1.34
CA ALA A 17 -5.70 5.51 0.93
C ALA A 17 -6.84 5.55 -0.09
N ALA A 18 -6.86 4.56 -0.99
CA ALA A 18 -7.90 4.48 -2.00
C ALA A 18 -9.25 4.14 -1.38
N GLN A 19 -9.21 3.37 -0.30
CA GLN A 19 -10.44 2.98 0.40
C GLN A 19 -10.96 4.12 1.26
N ARG A 20 -10.04 4.92 1.81
CA ARG A 20 -10.41 6.03 2.66
C ARG A 20 -11.25 7.04 1.90
N LEU A 21 -10.89 7.29 0.65
CA LEU A 21 -11.61 8.24 -0.20
C LEU A 21 -12.84 7.59 -0.81
N ALA A 22 -12.75 6.28 -1.07
CA ALA A 22 -13.87 5.54 -1.65
C ALA A 22 -15.07 5.53 -0.72
N ASN A 23 -15.01 4.67 0.29
CA ASN A 23 -16.10 4.57 1.26
C ASN A 23 -15.57 4.63 2.69
N GLU A 1 16.30 -8.20 3.90
CA GLU A 1 15.25 -7.34 3.31
C GLU A 1 15.23 -7.44 1.78
N THR A 2 14.06 -7.74 1.22
CA THR A 2 13.92 -7.87 -0.22
C THR A 2 13.14 -6.69 -0.80
N SER A 3 12.87 -6.73 -2.10
CA SER A 3 12.15 -5.67 -2.77
C SER A 3 10.64 -5.81 -2.53
N GLU A 4 10.19 -7.05 -2.39
CA GLU A 4 8.77 -7.32 -2.17
C GLU A 4 8.29 -6.65 -0.89
N GLU A 5 9.15 -6.63 0.13
CA GLU A 5 8.80 -6.02 1.41
C GLU A 5 8.61 -4.51 1.26
N ARG A 6 9.56 -3.86 0.60
CA ARG A 6 9.50 -2.41 0.39
C ARG A 6 8.29 -2.06 -0.48
N ALA A 7 7.97 -2.93 -1.42
CA ALA A 7 6.84 -2.70 -2.32
C ALA A 7 5.52 -2.76 -1.57
N ALA A 8 5.49 -3.55 -0.51
CA ALA A 8 4.27 -3.70 0.30
C ALA A 8 3.85 -2.37 0.91
N ARG A 9 4.83 -1.50 1.16
CA ARG A 9 4.56 -0.19 1.75
C ARG A 9 3.72 0.67 0.81
N LEU A 10 4.08 0.67 -0.47
CA LEU A 10 3.37 1.45 -1.47
C LEU A 10 2.05 0.78 -1.85
N ALA A 11 2.02 -0.55 -1.76
CA ALA A 11 0.82 -1.31 -2.09
C ALA A 11 -0.14 -1.36 -0.91
N LYS A 12 0.41 -1.21 0.29
CA LYS A 12 -0.40 -1.23 1.50
C LYS A 12 -0.95 0.15 1.83
N MET A 13 -0.07 1.15 1.80
CA MET A 13 -0.47 2.52 2.09
C MET A 13 -1.40 3.06 1.00
N SER A 14 -1.19 2.59 -0.23
CA SER A 14 -2.01 3.02 -1.36
C SER A 14 -3.36 2.31 -1.36
N ALA A 15 -3.34 1.03 -0.98
CA ALA A 15 -4.56 0.24 -0.94
C ALA A 15 -5.53 0.77 0.12
N TYR A 16 -5.00 1.04 1.31
CA TYR A 16 -5.81 1.55 2.41
C TYR A 16 -6.31 2.96 2.10
N ALA A 17 -5.46 3.76 1.46
CA ALA A 17 -5.82 5.13 1.10
C ALA A 17 -6.82 5.15 -0.05
N ALA A 18 -6.73 4.15 -0.92
CA ALA A 18 -7.63 4.07 -2.07
C ALA A 18 -9.07 3.93 -1.62
N GLN A 19 -9.28 3.14 -0.57
CA GLN A 19 -10.62 2.91 -0.03
C GLN A 19 -11.00 4.01 0.97
N ARG A 20 -10.01 4.52 1.67
CA ARG A 20 -10.24 5.57 2.65
C ARG A 20 -10.70 6.86 1.98
N LEU A 21 -9.99 7.27 0.95
CA LEU A 21 -10.33 8.48 0.20
C LEU A 21 -11.46 8.22 -0.78
N ALA A 22 -11.18 7.36 -1.76
CA ALA A 22 -12.18 7.01 -2.78
C ALA A 22 -13.15 5.96 -2.26
N ASN A 23 -14.23 6.40 -1.65
CA ASN A 23 -15.24 5.48 -1.12
C ASN A 23 -16.04 4.85 -2.25
N GLU A 1 15.42 -5.21 5.86
CA GLU A 1 14.21 -5.62 5.10
C GLU A 1 14.57 -6.07 3.68
N THR A 2 13.59 -6.62 2.98
CA THR A 2 13.80 -7.10 1.61
C THR A 2 13.22 -6.11 0.60
N SER A 3 13.35 -6.45 -0.68
CA SER A 3 12.84 -5.60 -1.74
C SER A 3 11.32 -5.70 -1.84
N GLU A 4 10.81 -6.92 -1.69
CA GLU A 4 9.37 -7.16 -1.75
C GLU A 4 8.64 -6.36 -0.68
N GLU A 5 9.31 -6.15 0.45
CA GLU A 5 8.71 -5.39 1.56
C GLU A 5 8.38 -3.97 1.13
N ARG A 6 9.28 -3.36 0.37
CA ARG A 6 9.08 -1.99 -0.11
C ARG A 6 7.87 -1.92 -1.04
N ALA A 7 7.72 -2.94 -1.88
CA ALA A 7 6.61 -2.99 -2.82
C ALA A 7 5.29 -3.27 -2.10
N ALA A 8 5.34 -4.16 -1.12
CA ALA A 8 4.15 -4.52 -0.35
C ALA A 8 3.68 -3.35 0.51
N ARG A 9 4.63 -2.51 0.91
CA ARG A 9 4.31 -1.35 1.74
C ARG A 9 3.69 -0.24 0.90
N LEU A 10 4.28 0.04 -0.26
CA LEU A 10 3.78 1.08 -1.15
C LEU A 10 2.46 0.67 -1.77
N ALA A 11 2.22 -0.63 -1.87
CA ALA A 11 0.98 -1.13 -2.44
C ALA A 11 -0.12 -1.22 -1.39
N LYS A 12 0.29 -1.46 -0.14
CA LYS A 12 -0.66 -1.56 0.95
C LYS A 12 -1.08 -0.17 1.44
N MET A 13 -0.12 0.73 1.50
CA MET A 13 -0.40 2.11 1.94
C MET A 13 -1.26 2.84 0.92
N SER A 14 -0.95 2.65 -0.35
CA SER A 14 -1.70 3.30 -1.43
C SER A 14 -3.10 2.70 -1.55
N ALA A 15 -3.20 1.40 -1.28
CA ALA A 15 -4.47 0.70 -1.35
C ALA A 15 -5.39 1.12 -0.22
N TYR A 16 -4.83 1.26 0.98
CA TYR A 16 -5.60 1.66 2.15
C TYR A 16 -6.10 3.09 2.00
N ALA A 17 -5.32 3.92 1.32
CA ALA A 17 -5.69 5.32 1.11
C ALA A 17 -6.89 5.43 0.18
N ALA A 18 -6.93 4.59 -0.84
CA ALA A 18 -8.04 4.59 -1.79
C ALA A 18 -9.36 4.30 -1.10
N GLN A 19 -9.35 3.34 -0.20
CA GLN A 19 -10.55 2.96 0.54
C GLN A 19 -10.96 4.07 1.50
N ARG A 20 -9.99 4.81 2.01
CA ARG A 20 -10.25 5.90 2.94
C ARG A 20 -10.92 7.06 2.24
N LEU A 21 -10.54 7.28 0.98
CA LEU A 21 -11.10 8.38 0.19
C LEU A 21 -12.62 8.22 0.05
N ALA A 22 -13.07 6.98 -0.10
CA ALA A 22 -14.49 6.70 -0.24
C ALA A 22 -15.24 7.02 1.05
N ASN A 23 -14.57 6.86 2.18
CA ASN A 23 -15.17 7.14 3.48
C ASN A 23 -14.15 7.00 4.60
N GLU A 1 15.52 -5.62 5.48
CA GLU A 1 14.31 -6.22 4.84
C GLU A 1 14.60 -6.66 3.41
N THR A 2 13.56 -7.13 2.72
CA THR A 2 13.71 -7.57 1.35
C THR A 2 13.16 -6.53 0.38
N SER A 3 13.24 -6.83 -0.91
CA SER A 3 12.75 -5.92 -1.95
C SER A 3 11.23 -6.01 -2.07
N GLU A 4 10.72 -7.23 -2.04
CA GLU A 4 9.28 -7.47 -2.14
C GLU A 4 8.53 -6.80 -0.99
N GLU A 5 9.09 -6.92 0.21
CA GLU A 5 8.48 -6.33 1.40
C GLU A 5 8.43 -4.80 1.28
N ARG A 6 9.41 -4.23 0.59
CA ARG A 6 9.48 -2.78 0.41
C ARG A 6 8.37 -2.30 -0.52
N ALA A 7 8.12 -3.07 -1.58
CA ALA A 7 7.09 -2.72 -2.55
C ALA A 7 5.70 -2.80 -1.93
N ALA A 8 5.55 -3.70 -0.97
CA ALA A 8 4.26 -3.88 -0.28
C ALA A 8 3.85 -2.60 0.46
N ARG A 9 4.84 -1.80 0.83
CA ARG A 9 4.58 -0.56 1.55
C ARG A 9 3.80 0.43 0.67
N LEU A 10 4.27 0.60 -0.56
CA LEU A 10 3.63 1.52 -1.49
C LEU A 10 2.29 0.97 -1.97
N ALA A 11 2.16 -0.35 -1.98
CA ALA A 11 0.93 -1.00 -2.41
C ALA A 11 -0.06 -1.12 -1.26
N LYS A 12 0.48 -1.21 -0.04
CA LYS A 12 -0.35 -1.32 1.16
C LYS A 12 -0.87 0.05 1.59
N MET A 13 0.01 1.04 1.59
CA MET A 13 -0.35 2.39 1.98
C MET A 13 -1.28 3.02 0.95
N SER A 14 -1.08 2.67 -0.31
CA SER A 14 -1.90 3.20 -1.40
C SER A 14 -3.30 2.58 -1.37
N ALA A 15 -3.37 1.33 -0.93
CA ALA A 15 -4.65 0.63 -0.86
C ALA A 15 -5.53 1.22 0.23
N TYR A 16 -4.93 1.56 1.36
CA TYR A 16 -5.66 2.13 2.48
C TYR A 16 -6.17 3.53 2.14
N ALA A 17 -5.42 4.23 1.30
CA ALA A 17 -5.79 5.59 0.90
C ALA A 17 -6.98 5.57 -0.05
N ALA A 18 -7.00 4.60 -0.96
CA ALA A 18 -8.08 4.47 -1.91
C ALA A 18 -9.40 4.13 -1.22
N GLN A 19 -9.34 3.16 -0.31
CA GLN A 19 -10.53 2.74 0.42
C GLN A 19 -10.97 3.83 1.40
N ARG A 20 -10.02 4.59 1.91
CA ARG A 20 -10.31 5.66 2.86
C ARG A 20 -11.16 6.75 2.20
N LEU A 21 -10.83 7.08 0.96
CA LEU A 21 -11.56 8.11 0.23
C LEU A 21 -12.75 7.49 -0.52
N ALA A 22 -12.59 6.26 -0.96
CA ALA A 22 -13.66 5.56 -1.67
C ALA A 22 -14.91 5.45 -0.82
N ASN A 23 -16.05 5.29 -1.48
CA ASN A 23 -17.33 5.17 -0.79
C ASN A 23 -18.13 3.99 -1.32
N GLU A 1 13.51 -12.79 3.42
CA GLU A 1 13.04 -11.43 3.02
C GLU A 1 13.56 -11.05 1.64
N THR A 2 13.06 -9.95 1.12
CA THR A 2 13.46 -9.47 -0.21
C THR A 2 12.94 -8.05 -0.46
N SER A 3 13.16 -7.56 -1.68
CA SER A 3 12.70 -6.23 -2.05
C SER A 3 11.18 -6.17 -2.15
N GLU A 4 10.56 -7.31 -2.42
CA GLU A 4 9.10 -7.39 -2.54
C GLU A 4 8.44 -6.89 -1.26
N GLU A 5 9.11 -7.09 -0.12
CA GLU A 5 8.57 -6.66 1.16
C GLU A 5 8.48 -5.13 1.24
N ARG A 6 9.57 -4.47 0.90
CA ARG A 6 9.62 -3.01 0.93
C ARG A 6 8.63 -2.42 -0.08
N ALA A 7 8.41 -3.14 -1.18
CA ALA A 7 7.50 -2.68 -2.22
C ALA A 7 6.05 -2.73 -1.74
N ALA A 8 5.75 -3.69 -0.87
CA ALA A 8 4.40 -3.85 -0.33
C ALA A 8 3.98 -2.62 0.47
N ARG A 9 4.96 -1.95 1.08
CA ARG A 9 4.69 -0.76 1.88
C ARG A 9 4.13 0.36 1.01
N LEU A 10 4.50 0.36 -0.27
CA LEU A 10 4.03 1.39 -1.20
C LEU A 10 2.65 1.03 -1.73
N ALA A 11 2.38 -0.27 -1.87
CA ALA A 11 1.09 -0.73 -2.37
C ALA A 11 0.06 -0.76 -1.24
N LYS A 12 0.53 -0.98 -0.03
CA LYS A 12 -0.34 -1.03 1.14
C LYS A 12 -0.87 0.35 1.49
N MET A 13 0.01 1.35 1.39
CA MET A 13 -0.37 2.73 1.70
C MET A 13 -1.37 3.25 0.67
N SER A 14 -1.12 2.94 -0.60
CA SER A 14 -2.00 3.37 -1.68
C SER A 14 -3.38 2.75 -1.54
N ALA A 15 -3.43 1.54 -0.99
CA ALA A 15 -4.69 0.83 -0.79
C ALA A 15 -5.51 1.47 0.33
N TYR A 16 -4.81 2.04 1.31
CA TYR A 16 -5.48 2.67 2.45
C TYR A 16 -6.19 3.96 2.01
N ALA A 17 -5.58 4.67 1.06
CA ALA A 17 -6.16 5.90 0.56
C ALA A 17 -7.37 5.63 -0.33
N ALA A 18 -7.35 4.49 -1.01
CA ALA A 18 -8.44 4.12 -1.90
C ALA A 18 -9.67 3.67 -1.10
N GLN A 19 -9.42 2.99 0.02
CA GLN A 19 -10.50 2.51 0.87
C GLN A 19 -11.05 3.63 1.74
N ARG A 20 -10.18 4.56 2.12
CA ARG A 20 -10.58 5.68 2.97
C ARG A 20 -11.51 6.63 2.19
N LEU A 21 -11.15 6.92 0.95
CA LEU A 21 -11.94 7.81 0.12
C LEU A 21 -12.83 7.01 -0.85
N ALA A 22 -12.19 6.33 -1.79
CA ALA A 22 -12.92 5.53 -2.78
C ALA A 22 -13.86 6.40 -3.60
N ASN A 23 -14.67 5.75 -4.44
CA ASN A 23 -15.62 6.46 -5.29
C ASN A 23 -14.91 7.43 -6.22
N GLU A 1 15.27 -6.65 5.07
CA GLU A 1 14.03 -6.74 4.25
C GLU A 1 14.36 -6.90 2.77
N THR A 2 13.54 -7.67 2.06
CA THR A 2 13.74 -7.90 0.64
C THR A 2 13.10 -6.80 -0.19
N SER A 3 13.19 -6.94 -1.51
CA SER A 3 12.62 -5.95 -2.43
C SER A 3 11.09 -6.05 -2.45
N GLU A 4 10.59 -7.27 -2.38
CA GLU A 4 9.15 -7.52 -2.39
C GLU A 4 8.48 -6.86 -1.20
N GLU A 5 9.17 -6.87 -0.05
CA GLU A 5 8.65 -6.27 1.17
C GLU A 5 8.49 -4.76 1.02
N ARG A 6 9.39 -4.15 0.26
CA ARG A 6 9.36 -2.71 0.03
C ARG A 6 8.12 -2.32 -0.79
N ALA A 7 7.78 -3.15 -1.75
CA ALA A 7 6.62 -2.88 -2.61
C ALA A 7 5.32 -2.98 -1.81
N ALA A 8 5.34 -3.80 -0.76
CA ALA A 8 4.16 -3.98 0.08
C ALA A 8 3.85 -2.71 0.87
N ARG A 9 4.89 -1.93 1.15
CA ARG A 9 4.73 -0.69 1.90
C ARG A 9 4.02 0.36 1.06
N LEU A 10 4.50 0.58 -0.16
CA LEU A 10 3.90 1.56 -1.04
C LEU A 10 2.54 1.10 -1.55
N ALA A 11 2.35 -0.21 -1.59
CA ALA A 11 1.08 -0.79 -2.05
C ALA A 11 0.07 -0.83 -0.92
N LYS A 12 0.56 -0.98 0.30
CA LYS A 12 -0.30 -1.03 1.48
C LYS A 12 -0.85 0.35 1.81
N MET A 13 0.00 1.36 1.68
CA MET A 13 -0.40 2.74 1.96
C MET A 13 -1.43 3.22 0.95
N SER A 14 -1.19 2.93 -0.33
CA SER A 14 -2.11 3.33 -1.39
C SER A 14 -3.45 2.64 -1.24
N ALA A 15 -3.43 1.41 -0.69
CA ALA A 15 -4.65 0.64 -0.49
C ALA A 15 -5.51 1.25 0.61
N TYR A 16 -4.87 1.65 1.70
CA TYR A 16 -5.58 2.24 2.83
C TYR A 16 -6.20 3.58 2.44
N ALA A 17 -5.54 4.29 1.52
CA ALA A 17 -6.02 5.59 1.05
C ALA A 17 -7.11 5.41 0.00
N ALA A 18 -6.88 4.51 -0.94
CA ALA A 18 -7.84 4.25 -2.01
C ALA A 18 -9.16 3.75 -1.44
N GLN A 19 -9.09 3.02 -0.32
CA GLN A 19 -10.27 2.47 0.32
C GLN A 19 -10.98 3.54 1.13
N ARG A 20 -10.21 4.47 1.69
CA ARG A 20 -10.76 5.55 2.50
C ARG A 20 -11.29 6.68 1.62
N LEU A 21 -10.65 6.87 0.48
CA LEU A 21 -11.05 7.91 -0.46
C LEU A 21 -12.23 7.46 -1.30
N ALA A 22 -12.12 6.28 -1.91
CA ALA A 22 -13.18 5.73 -2.74
C ALA A 22 -14.21 4.98 -1.90
N ASN A 23 -15.14 5.72 -1.33
CA ASN A 23 -16.19 5.12 -0.50
C ASN A 23 -17.51 5.85 -0.66
N GLU A 1 14.47 -10.39 5.07
CA GLU A 1 13.32 -9.83 4.32
C GLU A 1 13.56 -9.91 2.81
N THR A 2 12.54 -9.56 2.04
CA THR A 2 12.64 -9.59 0.58
C THR A 2 12.33 -8.22 -0.02
N SER A 3 12.61 -8.08 -1.31
CA SER A 3 12.36 -6.81 -2.00
C SER A 3 10.88 -6.52 -2.06
N GLU A 4 10.06 -7.56 -2.17
CA GLU A 4 8.62 -7.41 -2.25
C GLU A 4 8.08 -6.76 -0.98
N GLU A 5 8.73 -7.04 0.15
CA GLU A 5 8.32 -6.47 1.43
C GLU A 5 8.43 -4.95 1.43
N ARG A 6 9.46 -4.45 0.78
CA ARG A 6 9.67 -3.01 0.69
C ARG A 6 8.67 -2.36 -0.26
N ALA A 7 8.27 -3.10 -1.29
CA ALA A 7 7.31 -2.59 -2.26
C ALA A 7 5.90 -2.58 -1.68
N ALA A 8 5.63 -3.53 -0.79
CA ALA A 8 4.32 -3.63 -0.16
C ALA A 8 3.96 -2.34 0.60
N ARG A 9 4.99 -1.67 1.12
CA ARG A 9 4.78 -0.44 1.86
C ARG A 9 4.23 0.67 0.95
N LEU A 10 4.59 0.62 -0.33
CA LEU A 10 4.14 1.60 -1.29
C LEU A 10 2.76 1.23 -1.84
N ALA A 11 2.51 -0.08 -1.94
CA ALA A 11 1.24 -0.57 -2.44
C ALA A 11 0.19 -0.59 -1.34
N LYS A 12 0.63 -0.79 -0.11
CA LYS A 12 -0.25 -0.83 1.04
C LYS A 12 -0.77 0.57 1.38
N MET A 13 0.11 1.56 1.26
CA MET A 13 -0.25 2.94 1.55
C MET A 13 -1.26 3.45 0.53
N SER A 14 -0.98 3.21 -0.75
CA SER A 14 -1.87 3.65 -1.82
C SER A 14 -3.20 2.92 -1.76
N ALA A 15 -3.16 1.66 -1.32
CA ALA A 15 -4.37 0.86 -1.21
C ALA A 15 -5.22 1.30 -0.03
N TYR A 16 -4.58 1.81 1.01
CA TYR A 16 -5.27 2.27 2.20
C TYR A 16 -6.02 3.57 1.92
N ALA A 17 -5.47 4.38 1.02
CA ALA A 17 -6.09 5.64 0.66
C ALA A 17 -7.35 5.43 -0.19
N ALA A 18 -7.28 4.46 -1.08
CA ALA A 18 -8.41 4.15 -1.96
C ALA A 18 -9.63 3.70 -1.14
N GLN A 19 -9.38 2.88 -0.13
CA GLN A 19 -10.44 2.37 0.73
C GLN A 19 -10.90 3.44 1.72
N ARG A 20 -9.98 4.31 2.12
CA ARG A 20 -10.28 5.38 3.05
C ARG A 20 -11.34 6.32 2.48
N LEU A 21 -11.22 6.62 1.20
CA LEU A 21 -12.16 7.51 0.53
C LEU A 21 -13.39 6.74 0.05
N ALA A 22 -13.17 5.79 -0.85
CA ALA A 22 -14.26 4.99 -1.39
C ALA A 22 -14.64 3.87 -0.43
N ASN A 23 -15.87 3.92 0.08
CA ASN A 23 -16.36 2.91 1.01
C ASN A 23 -17.09 1.80 0.28
N GLU A 1 15.28 -7.63 4.90
CA GLU A 1 15.35 -6.59 3.85
C GLU A 1 15.15 -7.20 2.47
N THR A 2 13.91 -7.10 1.97
CA THR A 2 13.58 -7.64 0.65
C THR A 2 12.76 -6.63 -0.15
N SER A 3 12.93 -6.67 -1.47
CA SER A 3 12.20 -5.76 -2.35
C SER A 3 10.70 -5.95 -2.22
N GLU A 4 10.29 -7.18 -1.90
CA GLU A 4 8.88 -7.49 -1.75
C GLU A 4 8.27 -6.73 -0.58
N GLU A 5 8.97 -6.75 0.56
CA GLU A 5 8.51 -6.06 1.75
C GLU A 5 8.42 -4.56 1.52
N ARG A 6 9.45 -4.00 0.88
CA ARG A 6 9.50 -2.58 0.60
C ARG A 6 8.44 -2.19 -0.43
N ALA A 7 8.15 -3.13 -1.34
CA ALA A 7 7.15 -2.89 -2.38
C ALA A 7 5.74 -2.91 -1.82
N ALA A 8 5.53 -3.76 -0.82
CA ALA A 8 4.21 -3.88 -0.20
C ALA A 8 3.82 -2.58 0.51
N ARG A 9 4.82 -1.81 0.93
CA ARG A 9 4.58 -0.55 1.62
C ARG A 9 3.90 0.46 0.69
N LEU A 10 4.28 0.44 -0.59
CA LEU A 10 3.71 1.36 -1.57
C LEU A 10 2.36 0.86 -2.05
N ALA A 11 2.20 -0.46 -2.09
CA ALA A 11 0.95 -1.07 -2.55
C ALA A 11 -0.06 -1.15 -1.41
N LYS A 12 0.45 -1.22 -0.19
CA LYS A 12 -0.41 -1.30 1.00
C LYS A 12 -0.86 0.09 1.43
N MET A 13 0.02 1.06 1.32
CA MET A 13 -0.29 2.44 1.71
C MET A 13 -1.23 3.09 0.70
N SER A 14 -1.08 2.69 -0.57
CA SER A 14 -1.93 3.24 -1.63
C SER A 14 -3.32 2.62 -1.60
N ALA A 15 -3.39 1.35 -1.21
CA ALA A 15 -4.66 0.64 -1.13
C ALA A 15 -5.49 1.13 0.05
N TYR A 16 -4.81 1.56 1.10
CA TYR A 16 -5.50 2.05 2.30
C TYR A 16 -6.07 3.44 2.06
N ALA A 17 -5.31 4.28 1.35
CA ALA A 17 -5.75 5.64 1.06
C ALA A 17 -6.82 5.65 -0.02
N ALA A 18 -6.76 4.68 -0.93
CA ALA A 18 -7.73 4.58 -2.01
C ALA A 18 -9.08 4.11 -1.50
N GLN A 19 -9.06 3.25 -0.48
CA GLN A 19 -10.28 2.73 0.11
C GLN A 19 -10.79 3.64 1.21
N ARG A 20 -9.87 4.35 1.87
CA ARG A 20 -10.23 5.26 2.95
C ARG A 20 -11.21 6.33 2.46
N LEU A 21 -10.83 7.04 1.42
CA LEU A 21 -11.67 8.09 0.85
C LEU A 21 -12.98 7.51 0.32
N ALA A 22 -12.88 6.39 -0.38
CA ALA A 22 -14.06 5.74 -0.95
C ALA A 22 -14.87 5.03 0.14
N ASN A 23 -16.12 5.45 0.30
CA ASN A 23 -17.00 4.85 1.30
C ASN A 23 -18.43 5.35 1.14
N GLU A 1 15.65 -10.12 3.38
CA GLU A 1 15.06 -8.89 2.78
C GLU A 1 14.98 -9.00 1.26
N THR A 2 13.91 -8.47 0.69
CA THR A 2 13.72 -8.50 -0.76
C THR A 2 13.05 -7.22 -1.25
N SER A 3 12.63 -7.24 -2.51
CA SER A 3 11.97 -6.08 -3.10
C SER A 3 10.49 -6.05 -2.76
N GLU A 4 9.92 -7.23 -2.47
CA GLU A 4 8.52 -7.34 -2.12
C GLU A 4 8.21 -6.57 -0.84
N GLU A 5 9.06 -6.74 0.17
CA GLU A 5 8.86 -6.06 1.45
C GLU A 5 8.88 -4.54 1.27
N ARG A 6 9.63 -4.08 0.27
CA ARG A 6 9.74 -2.65 0.00
C ARG A 6 8.52 -2.16 -0.79
N ALA A 7 7.96 -3.04 -1.62
CA ALA A 7 6.79 -2.69 -2.42
C ALA A 7 5.50 -2.83 -1.61
N ALA A 8 5.53 -3.71 -0.61
CA ALA A 8 4.36 -3.94 0.23
C ALA A 8 3.99 -2.68 0.99
N ARG A 9 4.98 -1.83 1.27
CA ARG A 9 4.75 -0.59 2.00
C ARG A 9 3.99 0.42 1.13
N LEU A 10 4.55 0.72 -0.04
CA LEU A 10 3.92 1.65 -0.97
C LEU A 10 2.60 1.11 -1.50
N ALA A 11 2.47 -0.21 -1.51
CA ALA A 11 1.25 -0.85 -1.99
C ALA A 11 0.21 -0.95 -0.89
N LYS A 12 0.67 -1.05 0.35
CA LYS A 12 -0.23 -1.14 1.50
C LYS A 12 -0.80 0.23 1.85
N MET A 13 0.05 1.25 1.78
CA MET A 13 -0.38 2.62 2.09
C MET A 13 -1.35 3.13 1.04
N SER A 14 -1.07 2.83 -0.22
CA SER A 14 -1.92 3.26 -1.32
C SER A 14 -3.28 2.55 -1.27
N ALA A 15 -3.27 1.32 -0.76
CA ALA A 15 -4.49 0.54 -0.66
C ALA A 15 -5.43 1.11 0.40
N TYR A 16 -4.88 1.44 1.57
CA TYR A 16 -5.66 2.00 2.66
C TYR A 16 -6.22 3.36 2.28
N ALA A 17 -5.49 4.08 1.44
CA ALA A 17 -5.90 5.41 1.00
C ALA A 17 -6.99 5.32 -0.07
N ALA A 18 -6.94 4.26 -0.87
CA ALA A 18 -7.90 4.05 -1.94
C ALA A 18 -9.30 3.80 -1.37
N GLN A 19 -9.40 2.89 -0.41
CA GLN A 19 -10.67 2.56 0.21
C GLN A 19 -11.21 3.75 1.02
N ARG A 20 -10.30 4.51 1.62
CA ARG A 20 -10.68 5.67 2.41
C ARG A 20 -11.16 6.81 1.51
N LEU A 21 -10.62 6.88 0.30
CA LEU A 21 -10.99 7.92 -0.65
C LEU A 21 -12.49 7.86 -0.95
N ALA A 22 -13.05 6.66 -0.92
CA ALA A 22 -14.46 6.46 -1.20
C ALA A 22 -15.26 6.33 0.10
N ASN A 23 -14.64 5.75 1.12
CA ASN A 23 -15.29 5.57 2.41
C ASN A 23 -14.32 4.95 3.42
N GLU A 1 14.87 -9.29 3.40
CA GLU A 1 15.56 -8.64 2.27
C GLU A 1 14.96 -9.07 0.93
N THR A 2 13.83 -8.47 0.59
CA THR A 2 13.14 -8.79 -0.67
C THR A 2 12.54 -7.54 -1.29
N SER A 3 12.28 -7.59 -2.59
CA SER A 3 11.70 -6.47 -3.31
C SER A 3 10.23 -6.28 -2.92
N GLU A 4 9.56 -7.37 -2.59
CA GLU A 4 8.15 -7.33 -2.20
C GLU A 4 7.98 -6.58 -0.88
N GLU A 5 9.00 -6.66 -0.03
CA GLU A 5 8.96 -6.01 1.27
C GLU A 5 8.89 -4.49 1.11
N ARG A 6 9.75 -3.95 0.24
CA ARG A 6 9.79 -2.52 -0.01
C ARG A 6 8.55 -2.06 -0.77
N ALA A 7 8.01 -2.94 -1.60
CA ALA A 7 6.82 -2.62 -2.38
C ALA A 7 5.55 -2.80 -1.55
N ALA A 8 5.60 -3.71 -0.59
CA ALA A 8 4.46 -3.98 0.28
C ALA A 8 4.08 -2.74 1.08
N ARG A 9 5.08 -1.91 1.38
CA ARG A 9 4.85 -0.68 2.14
C ARG A 9 4.07 0.33 1.32
N LEU A 10 4.58 0.63 0.12
CA LEU A 10 3.94 1.59 -0.76
C LEU A 10 2.62 1.04 -1.32
N ALA A 11 2.47 -0.29 -1.26
CA ALA A 11 1.26 -0.93 -1.76
C ALA A 11 0.18 -0.94 -0.68
N LYS A 12 0.59 -0.97 0.58
CA LYS A 12 -0.33 -0.99 1.70
C LYS A 12 -0.81 0.43 2.02
N MET A 13 0.06 1.41 1.77
CA MET A 13 -0.28 2.80 2.03
C MET A 13 -1.23 3.33 0.97
N SER A 14 -1.03 2.92 -0.28
CA SER A 14 -1.87 3.35 -1.38
C SER A 14 -3.25 2.70 -1.31
N ALA A 15 -3.28 1.47 -0.81
CA ALA A 15 -4.54 0.73 -0.68
C ALA A 15 -5.41 1.31 0.42
N TYR A 16 -4.77 1.81 1.48
CA TYR A 16 -5.49 2.40 2.60
C TYR A 16 -6.12 3.73 2.21
N ALA A 17 -5.43 4.48 1.37
CA ALA A 17 -5.91 5.78 0.92
C ALA A 17 -7.05 5.63 -0.09
N ALA A 18 -6.91 4.64 -0.98
CA ALA A 18 -7.92 4.39 -1.99
C ALA A 18 -9.17 3.77 -1.38
N GLN A 19 -8.97 2.86 -0.42
CA GLN A 19 -10.08 2.20 0.25
C GLN A 19 -10.91 3.19 1.06
N ARG A 20 -10.24 4.22 1.59
CA ARG A 20 -10.92 5.23 2.38
C ARG A 20 -11.54 6.30 1.49
N LEU A 21 -10.87 6.59 0.37
CA LEU A 21 -11.34 7.59 -0.57
C LEU A 21 -12.44 7.02 -1.46
N ALA A 22 -12.39 5.72 -1.71
CA ALA A 22 -13.38 5.05 -2.54
C ALA A 22 -14.79 5.26 -2.01
N ASN A 23 -15.61 5.96 -2.78
CA ASN A 23 -16.99 6.23 -2.38
C ASN A 23 -17.88 6.47 -3.60
N GLU A 1 13.06 -10.38 4.54
CA GLU A 1 13.83 -9.16 4.21
C GLU A 1 14.13 -9.08 2.71
N THR A 2 13.08 -9.12 1.90
CA THR A 2 13.22 -9.06 0.46
C THR A 2 12.68 -7.73 -0.09
N SER A 3 12.96 -7.46 -1.35
CA SER A 3 12.51 -6.23 -1.99
C SER A 3 10.99 -6.19 -2.08
N GLU A 4 10.37 -7.37 -2.19
CA GLU A 4 8.92 -7.48 -2.28
C GLU A 4 8.26 -6.86 -1.04
N GLU A 5 8.90 -7.02 0.11
CA GLU A 5 8.37 -6.49 1.36
C GLU A 5 8.32 -4.97 1.32
N ARG A 6 9.41 -4.35 0.87
CA ARG A 6 9.48 -2.90 0.78
C ARG A 6 8.49 -2.35 -0.24
N ALA A 7 8.24 -3.14 -1.29
CA ALA A 7 7.31 -2.75 -2.34
C ALA A 7 5.87 -2.75 -1.82
N ALA A 8 5.58 -3.68 -0.93
CA ALA A 8 4.24 -3.79 -0.35
C ALA A 8 3.84 -2.51 0.37
N ARG A 9 4.83 -1.75 0.83
CA ARG A 9 4.58 -0.51 1.53
C ARG A 9 3.91 0.51 0.62
N LEU A 10 4.44 0.66 -0.59
CA LEU A 10 3.88 1.61 -1.55
C LEU A 10 2.48 1.21 -1.97
N ALA A 11 2.23 -0.10 -2.03
CA ALA A 11 0.92 -0.61 -2.41
C ALA A 11 -0.02 -0.63 -1.22
N LYS A 12 0.55 -0.80 -0.03
CA LYS A 12 -0.23 -0.83 1.20
C LYS A 12 -0.76 0.55 1.54
N MET A 13 0.06 1.57 1.29
CA MET A 13 -0.32 2.95 1.57
C MET A 13 -1.41 3.41 0.63
N SER A 14 -1.26 3.07 -0.65
CA SER A 14 -2.24 3.45 -1.66
C SER A 14 -3.56 2.73 -1.44
N ALA A 15 -3.48 1.52 -0.91
CA ALA A 15 -4.67 0.71 -0.63
C ALA A 15 -5.46 1.29 0.53
N TYR A 16 -4.75 1.75 1.56
CA TYR A 16 -5.39 2.32 2.74
C TYR A 16 -6.09 3.63 2.40
N ALA A 17 -5.50 4.38 1.46
CA ALA A 17 -6.07 5.65 1.04
C ALA A 17 -7.16 5.45 -0.01
N ALA A 18 -7.01 4.41 -0.81
CA ALA A 18 -7.97 4.11 -1.86
C ALA A 18 -9.25 3.50 -1.28
N GLN A 19 -9.10 2.78 -0.18
CA GLN A 19 -10.23 2.15 0.49
C GLN A 19 -11.00 3.15 1.35
N ARG A 20 -10.27 4.11 1.90
CA ARG A 20 -10.87 5.14 2.75
C ARG A 20 -11.48 6.25 1.91
N LEU A 21 -10.64 6.97 1.17
CA LEU A 21 -11.11 8.06 0.32
C LEU A 21 -11.70 7.53 -0.97
N ALA A 22 -10.95 6.65 -1.64
CA ALA A 22 -11.40 6.06 -2.90
C ALA A 22 -11.63 7.14 -3.95
N ASN A 23 -10.73 8.11 -4.00
CA ASN A 23 -10.82 9.21 -4.97
C ASN A 23 -10.40 8.74 -6.35
#